data_5CW6
#
_entry.id   5CW6
#
_cell.length_a   108.833
_cell.length_b   108.833
_cell.length_c   137.439
_cell.angle_alpha   90.000
_cell.angle_beta   90.000
_cell.angle_gamma   120.000
#
_symmetry.space_group_name_H-M   'P 62 2 2'
#
loop_
_entity.id
_entity.type
_entity.pdbx_description
1 polymer DrBRCC36
2 non-polymer 'ZINC ION'
3 water water
#
_entity_poly.entity_id   1
_entity_poly.type   'polypeptide(L)'
_entity_poly.pdbx_seq_one_letter_code
;GAMAVNAVHLESDAFLVCMNHALSTEKEEVMGLCIGEVDTNRIVHIHSVIILRRSDKRKDRVEISPEQLSAASTEAERLA
EMTGRPMRVVGWYHSHPHITVWPSHVDVRTQAMYQMMDQGFVGLIFSCFIEDKNTKTGRVLYTCFQSVQAQKGSEYERIE
IPIHVVPHEAIGKVCLESAVELPRILCQEEQDTYRRIHSLTHLDPITKIHNGSVFTKNLCSQMSAISGPLLQWLEDRLEQ
NKQSIITLQKEKELLTQELAAL
;
_entity_poly.pdbx_strand_id   A
#
# COMPACT_ATOMS: atom_id res chain seq x y z
N MET A 3 -18.20 -6.04 -4.78
CA MET A 3 -16.87 -6.14 -4.19
C MET A 3 -15.80 -5.77 -5.21
N ALA A 4 -15.21 -4.59 -5.02
CA ALA A 4 -14.30 -4.01 -6.00
C ALA A 4 -13.06 -4.87 -6.23
N VAL A 5 -12.40 -5.28 -5.14
CA VAL A 5 -11.16 -6.03 -5.25
C VAL A 5 -11.22 -7.35 -4.49
N ASN A 6 -10.91 -8.44 -5.18
CA ASN A 6 -10.92 -9.78 -4.59
C ASN A 6 -9.68 -10.05 -3.74
N ALA A 7 -8.52 -9.72 -4.28
CA ALA A 7 -7.26 -9.97 -3.58
C ALA A 7 -6.14 -9.06 -4.08
N VAL A 8 -5.01 -9.09 -3.38
CA VAL A 8 -3.84 -8.31 -3.77
C VAL A 8 -2.61 -9.19 -3.84
N HIS A 9 -2.05 -9.33 -5.04
CA HIS A 9 -0.84 -10.10 -5.23
C HIS A 9 0.39 -9.19 -5.23
N LEU A 10 1.17 -9.29 -4.16
CA LEU A 10 2.34 -8.46 -3.97
C LEU A 10 3.63 -9.22 -4.26
N GLU A 11 4.28 -8.90 -5.38
CA GLU A 11 5.50 -9.57 -5.77
C GLU A 11 6.58 -9.40 -4.70
N SER A 12 7.33 -10.47 -4.46
CA SER A 12 8.23 -10.57 -3.30
C SER A 12 9.20 -9.40 -3.10
N ASP A 13 9.66 -8.81 -4.19
CA ASP A 13 10.62 -7.72 -4.11
C ASP A 13 9.99 -6.44 -3.55
N ALA A 14 8.77 -6.15 -3.99
CA ALA A 14 8.03 -5.00 -3.48
C ALA A 14 7.71 -5.19 -2.01
N PHE A 15 7.51 -6.44 -1.61
CA PHE A 15 7.28 -6.79 -0.22
C PHE A 15 8.49 -6.45 0.65
N LEU A 16 9.65 -6.85 0.18
CA LEU A 16 10.91 -6.62 0.91
C LEU A 16 11.17 -5.12 1.11
N VAL A 17 10.76 -4.32 0.13
CA VAL A 17 10.91 -2.87 0.23
C VAL A 17 10.06 -2.32 1.38
N CYS A 18 8.79 -2.72 1.41
CA CYS A 18 7.88 -2.32 2.46
C CYS A 18 8.39 -2.83 3.80
N MET A 19 8.95 -4.03 3.80
CA MET A 19 9.52 -4.62 5.01
C MET A 19 10.68 -3.81 5.55
N ASN A 20 11.57 -3.39 4.65
CA ASN A 20 12.75 -2.63 5.03
C ASN A 20 12.40 -1.29 5.68
N HIS A 21 11.38 -0.63 5.15
CA HIS A 21 10.96 0.66 5.68
C HIS A 21 10.11 0.51 6.94
N ALA A 22 9.45 -0.63 7.07
CA ALA A 22 8.68 -0.92 8.27
C ALA A 22 9.60 -1.00 9.49
N LEU A 23 10.86 -1.32 9.23
CA LEU A 23 11.87 -1.44 10.27
C LEU A 23 12.54 -0.10 10.60
N SER A 24 12.32 0.89 9.74
CA SER A 24 12.97 2.19 9.88
C SER A 24 12.67 2.82 11.24
N THR A 25 11.40 2.74 11.66
CA THR A 25 10.97 3.20 12.98
C THR A 25 11.41 4.64 13.24
N GLU A 26 10.81 5.59 12.52
CA GLU A 26 11.16 6.99 12.68
C GLU A 26 9.89 7.84 12.86
N GLU A 29 7.80 10.65 8.70
CA GLU A 29 6.47 10.81 8.13
C GLU A 29 6.51 10.80 6.60
N VAL A 30 6.41 9.62 6.02
CA VAL A 30 6.43 9.47 4.58
C VAL A 30 5.28 8.58 4.10
N MET A 31 5.20 8.40 2.78
CA MET A 31 4.17 7.53 2.21
C MET A 31 4.64 6.92 0.89
N GLY A 32 4.23 5.68 0.64
CA GLY A 32 4.68 4.96 -0.53
C GLY A 32 3.67 4.89 -1.64
N LEU A 33 4.15 4.60 -2.86
CA LEU A 33 3.27 4.47 -4.02
C LEU A 33 3.37 3.09 -4.64
N CYS A 34 2.28 2.33 -4.55
CA CYS A 34 2.25 0.98 -5.12
C CYS A 34 2.04 1.04 -6.63
N ILE A 35 2.95 0.41 -7.37
CA ILE A 35 2.88 0.42 -8.83
C ILE A 35 2.72 -0.98 -9.40
N GLY A 36 1.74 -1.16 -10.28
CA GLY A 36 1.50 -2.44 -10.90
C GLY A 36 0.34 -2.45 -11.89
N GLU A 37 -0.57 -3.41 -11.71
CA GLU A 37 -1.67 -3.60 -12.65
C GLU A 37 -2.83 -4.37 -12.02
N VAL A 38 -3.96 -4.42 -12.71
CA VAL A 38 -5.12 -5.17 -12.25
C VAL A 38 -5.64 -6.07 -13.37
N ASP A 39 -6.04 -7.30 -13.02
CA ASP A 39 -6.48 -8.26 -14.01
C ASP A 39 -7.99 -8.56 -13.93
N THR A 40 -8.42 -9.55 -14.68
CA THR A 40 -9.83 -9.89 -14.84
C THR A 40 -10.50 -10.26 -13.51
N ASN A 41 -9.75 -10.94 -12.64
CA ASN A 41 -10.31 -11.45 -11.39
C ASN A 41 -10.26 -10.44 -10.26
N ARG A 42 -10.22 -9.15 -10.60
CA ARG A 42 -10.18 -8.07 -9.63
C ARG A 42 -9.02 -8.25 -8.65
N ILE A 43 -7.87 -8.67 -9.19
CA ILE A 43 -6.67 -8.88 -8.39
C ILE A 43 -5.62 -7.81 -8.70
N VAL A 44 -5.15 -7.13 -7.65
CA VAL A 44 -4.18 -6.06 -7.81
C VAL A 44 -2.75 -6.58 -7.70
N HIS A 45 -2.04 -6.60 -8.82
CA HIS A 45 -0.63 -6.99 -8.85
C HIS A 45 0.27 -5.80 -8.56
N ILE A 46 0.99 -5.86 -7.45
CA ILE A 46 1.93 -4.80 -7.11
C ILE A 46 3.37 -5.26 -7.37
N HIS A 47 3.99 -4.70 -8.40
CA HIS A 47 5.31 -5.13 -8.83
C HIS A 47 6.43 -4.34 -8.15
N SER A 48 6.11 -3.15 -7.66
CA SER A 48 7.09 -2.30 -7.01
C SER A 48 6.44 -1.25 -6.11
N VAL A 49 7.20 -0.75 -5.14
CA VAL A 49 6.72 0.28 -4.22
C VAL A 49 7.77 1.38 -4.05
N ILE A 50 7.37 2.63 -4.30
CA ILE A 50 8.28 3.76 -4.14
C ILE A 50 7.88 4.61 -2.94
N ILE A 51 8.85 4.88 -2.07
CA ILE A 51 8.59 5.59 -0.83
C ILE A 51 9.21 6.98 -0.81
N LEU A 52 8.37 8.01 -0.70
CA LEU A 52 8.84 9.40 -0.66
C LEU A 52 8.10 10.20 0.41
N ARG A 53 8.58 11.42 0.64
CA ARG A 53 7.97 12.30 1.64
C ARG A 53 6.61 12.80 1.19
N ARG A 61 -8.94 16.87 -0.14
CA ARG A 61 -8.31 17.21 -1.40
C ARG A 61 -7.20 16.21 -1.75
N VAL A 62 -6.78 16.23 -3.01
CA VAL A 62 -5.74 15.31 -3.48
C VAL A 62 -4.67 16.07 -4.26
N GLU A 63 -3.43 16.00 -3.77
CA GLU A 63 -2.31 16.68 -4.42
C GLU A 63 -1.10 15.78 -4.51
N ILE A 64 -0.45 15.79 -5.67
CA ILE A 64 0.75 15.00 -5.90
C ILE A 64 1.88 15.87 -6.43
N SER A 65 2.96 15.96 -5.65
CA SER A 65 4.12 16.78 -6.01
C SER A 65 4.80 16.27 -7.28
N PRO A 66 5.41 17.19 -8.04
CA PRO A 66 6.18 16.83 -9.24
C PRO A 66 7.35 15.91 -8.90
N GLU A 67 7.83 15.99 -7.66
CA GLU A 67 8.86 15.08 -7.18
C GLU A 67 8.30 13.66 -7.09
N GLN A 68 7.06 13.55 -6.65
CA GLN A 68 6.39 12.27 -6.54
C GLN A 68 6.07 11.68 -7.92
N LEU A 69 5.69 12.56 -8.84
CA LEU A 69 5.31 12.15 -10.19
C LEU A 69 6.49 11.54 -10.95
N SER A 70 7.63 12.20 -10.90
CA SER A 70 8.81 11.77 -11.63
C SER A 70 9.32 10.42 -11.12
N ALA A 71 9.24 10.23 -9.80
CA ALA A 71 9.65 8.96 -9.20
C ALA A 71 8.74 7.84 -9.65
N ALA A 72 7.43 8.09 -9.65
CA ALA A 72 6.44 7.09 -10.04
C ALA A 72 6.60 6.72 -11.51
N SER A 73 6.77 7.72 -12.36
CA SER A 73 6.89 7.51 -13.80
C SER A 73 8.14 6.70 -14.14
N THR A 74 9.24 6.98 -13.43
CA THR A 74 10.51 6.32 -13.68
C THR A 74 10.43 4.81 -13.43
N GLU A 75 9.74 4.43 -12.37
CA GLU A 75 9.59 3.02 -12.03
C GLU A 75 8.53 2.36 -12.91
N ALA A 76 7.50 3.10 -13.25
CA ALA A 76 6.46 2.61 -14.16
C ALA A 76 7.08 2.31 -15.52
N GLU A 77 8.07 3.11 -15.90
CA GLU A 77 8.83 2.86 -17.11
C GLU A 77 9.66 1.59 -16.99
N ARG A 78 10.39 1.48 -15.89
CA ARG A 78 11.27 0.34 -15.65
C ARG A 78 10.50 -0.97 -15.58
N LEU A 79 9.31 -0.92 -14.98
CA LEU A 79 8.48 -2.11 -14.87
C LEU A 79 7.89 -2.51 -16.21
N ALA A 80 7.27 -1.54 -16.90
CA ALA A 80 6.64 -1.79 -18.19
C ALA A 80 7.66 -2.29 -19.22
N GLU A 81 8.88 -1.79 -19.13
CA GLU A 81 9.95 -2.21 -20.01
C GLU A 81 10.32 -3.67 -19.75
N MET A 82 10.25 -4.06 -18.48
CA MET A 82 10.52 -5.43 -18.07
C MET A 82 9.40 -6.38 -18.49
N THR A 83 8.18 -6.07 -18.08
CA THR A 83 7.05 -6.98 -18.26
C THR A 83 6.43 -6.91 -19.65
N GLY A 84 6.51 -5.75 -20.29
CA GLY A 84 5.89 -5.55 -21.59
C GLY A 84 4.49 -5.00 -21.47
N ARG A 85 3.90 -5.14 -20.28
CA ARG A 85 2.56 -4.63 -20.02
C ARG A 85 2.62 -3.21 -19.47
N PRO A 86 1.56 -2.41 -19.70
CA PRO A 86 1.51 -1.06 -19.14
C PRO A 86 1.25 -1.06 -17.64
N MET A 87 2.02 -0.26 -16.90
CA MET A 87 1.91 -0.20 -15.45
C MET A 87 1.23 1.08 -14.98
N ARG A 88 0.84 1.11 -13.70
CA ARG A 88 0.25 2.31 -13.12
C ARG A 88 0.24 2.25 -11.60
N VAL A 89 -0.10 3.38 -10.97
CA VAL A 89 -0.27 3.42 -9.52
C VAL A 89 -1.58 2.74 -9.12
N VAL A 90 -1.47 1.76 -8.24
CA VAL A 90 -2.63 0.95 -7.87
C VAL A 90 -2.95 1.04 -6.38
N GLY A 91 -1.99 1.50 -5.60
CA GLY A 91 -2.16 1.60 -4.16
C GLY A 91 -1.21 2.56 -3.47
N TRP A 92 -1.37 2.71 -2.16
CA TRP A 92 -0.50 3.57 -1.37
C TRP A 92 -0.06 2.88 -0.08
N TYR A 93 1.21 3.05 0.27
CA TYR A 93 1.79 2.39 1.43
C TYR A 93 2.31 3.37 2.47
N HIS A 94 2.18 3.00 3.74
CA HIS A 94 2.84 3.70 4.83
C HIS A 94 3.06 2.76 5.99
N SER A 95 3.97 3.13 6.90
CA SER A 95 4.36 2.25 8.00
C SER A 95 3.72 2.66 9.32
N HIS A 96 3.46 1.67 10.16
CA HIS A 96 2.94 1.89 11.50
C HIS A 96 3.91 1.35 12.56
N PRO A 97 5.02 2.08 12.79
CA PRO A 97 6.06 1.60 13.71
C PRO A 97 5.71 1.86 15.18
N HIS A 98 4.80 2.80 15.43
CA HIS A 98 4.50 3.20 16.80
C HIS A 98 3.03 3.02 17.16
N ILE A 99 2.25 2.47 16.23
CA ILE A 99 0.86 2.11 16.51
C ILE A 99 0.54 0.73 15.95
N THR A 100 -0.65 0.23 16.24
CA THR A 100 -1.07 -1.07 15.73
C THR A 100 -1.19 -1.00 14.20
N VAL A 101 -1.10 -2.16 13.55
CA VAL A 101 -1.03 -2.23 12.09
C VAL A 101 -2.30 -1.69 11.42
N TRP A 102 -3.38 -1.63 12.19
CA TRP A 102 -4.69 -1.27 11.66
C TRP A 102 -4.75 0.19 11.22
N PRO A 103 -5.49 0.46 10.14
CA PRO A 103 -5.60 1.81 9.57
C PRO A 103 -6.20 2.81 10.56
N SER A 104 -5.48 3.89 10.81
CA SER A 104 -6.01 4.98 11.62
C SER A 104 -7.21 5.58 10.89
N HIS A 105 -8.08 6.26 11.63
CA HIS A 105 -9.28 6.86 11.05
C HIS A 105 -8.93 7.88 9.98
N VAL A 106 -7.71 8.41 10.04
CA VAL A 106 -7.21 9.30 9.01
C VAL A 106 -6.87 8.51 7.76
N ASP A 107 -6.27 7.33 7.94
CA ASP A 107 -5.96 6.44 6.83
C ASP A 107 -7.21 5.98 6.12
N VAL A 108 -8.27 5.72 6.89
CA VAL A 108 -9.54 5.27 6.34
C VAL A 108 -10.21 6.36 5.52
N ARG A 109 -10.11 7.60 6.00
CA ARG A 109 -10.69 8.74 5.31
C ARG A 109 -9.83 9.16 4.11
N THR A 110 -8.54 8.86 4.20
CA THR A 110 -7.62 9.12 3.10
C THR A 110 -7.84 8.13 1.97
N GLN A 111 -7.86 6.85 2.32
CA GLN A 111 -8.14 5.78 1.37
C GLN A 111 -9.49 5.98 0.71
N ALA A 112 -10.44 6.51 1.47
CA ALA A 112 -11.80 6.74 0.98
C ALA A 112 -11.83 7.70 -0.21
N MET A 113 -11.08 8.79 -0.12
CA MET A 113 -11.08 9.79 -1.20
C MET A 113 -10.16 9.36 -2.33
N TYR A 114 -9.28 8.40 -2.06
CA TYR A 114 -8.50 7.78 -3.12
C TYR A 114 -9.42 6.94 -3.98
N GLN A 115 -10.36 6.26 -3.34
CA GLN A 115 -11.31 5.40 -4.03
C GLN A 115 -12.32 6.18 -4.86
N MET A 116 -12.36 7.49 -4.66
CA MET A 116 -13.23 8.35 -5.45
C MET A 116 -12.67 8.50 -6.86
N MET A 117 -11.49 7.94 -7.09
CA MET A 117 -10.81 8.04 -8.37
C MET A 117 -10.62 6.68 -9.04
N ASP A 118 -10.18 5.69 -8.27
CA ASP A 118 -9.87 4.38 -8.82
C ASP A 118 -10.87 3.32 -8.39
N GLN A 119 -11.49 3.52 -7.23
CA GLN A 119 -12.53 2.64 -6.70
C GLN A 119 -12.00 1.24 -6.34
N GLY A 120 -11.03 0.77 -7.12
CA GLY A 120 -10.33 -0.46 -6.80
C GLY A 120 -8.96 -0.17 -6.23
N PHE A 121 -8.73 1.11 -5.92
CA PHE A 121 -7.47 1.54 -5.30
C PHE A 121 -7.29 0.84 -3.97
N VAL A 122 -6.04 0.63 -3.57
CA VAL A 122 -5.75 -0.19 -2.41
C VAL A 122 -4.93 0.53 -1.35
N GLY A 123 -5.27 0.32 -0.09
CA GLY A 123 -4.49 0.84 1.02
C GLY A 123 -3.62 -0.26 1.60
N LEU A 124 -2.37 0.07 1.91
CA LEU A 124 -1.41 -0.94 2.37
C LEU A 124 -0.59 -0.43 3.55
N ILE A 125 -0.49 -1.25 4.59
CA ILE A 125 0.20 -0.85 5.83
C ILE A 125 1.05 -1.97 6.41
N PHE A 126 2.33 -1.68 6.66
CA PHE A 126 3.21 -2.60 7.37
C PHE A 126 3.44 -2.08 8.79
N SER A 127 3.73 -3.00 9.72
CA SER A 127 3.94 -2.61 11.11
C SER A 127 4.79 -3.61 11.89
N CYS A 128 5.86 -3.13 12.50
CA CYS A 128 6.71 -3.96 13.34
C CYS A 128 6.40 -3.71 14.81
N PHE A 129 5.38 -2.89 15.05
CA PHE A 129 5.02 -2.45 16.39
C PHE A 129 4.52 -3.57 17.29
N ILE A 130 5.04 -3.61 18.51
CA ILE A 130 4.60 -4.56 19.53
C ILE A 130 4.39 -3.84 20.86
N GLU A 131 3.17 -3.91 21.38
CA GLU A 131 2.83 -3.21 22.62
C GLU A 131 3.30 -4.01 23.84
N ASP A 132 3.35 -5.34 23.70
CA ASP A 132 3.87 -6.19 24.76
C ASP A 132 5.36 -5.91 24.93
N LYS A 133 5.73 -5.31 26.05
CA LYS A 133 7.10 -4.89 26.27
C LYS A 133 7.91 -5.94 27.04
N ASN A 134 7.37 -7.14 27.15
CA ASN A 134 8.06 -8.22 27.87
C ASN A 134 8.37 -9.43 26.98
N THR A 135 7.87 -9.40 25.74
CA THR A 135 8.10 -10.51 24.83
C THR A 135 9.43 -10.36 24.09
N LYS A 136 10.11 -11.49 23.88
CA LYS A 136 11.39 -11.50 23.18
C LYS A 136 11.23 -12.01 21.75
N THR A 137 10.01 -11.92 21.22
CA THR A 137 9.72 -12.48 19.92
C THR A 137 9.35 -11.42 18.89
N GLY A 138 10.08 -11.42 17.77
CA GLY A 138 9.88 -10.43 16.72
C GLY A 138 8.60 -10.65 15.93
N ARG A 139 7.96 -9.55 15.56
CA ARG A 139 6.69 -9.61 14.83
C ARG A 139 6.56 -8.48 13.82
N VAL A 140 6.04 -8.80 12.64
CA VAL A 140 5.69 -7.80 11.65
C VAL A 140 4.34 -8.12 11.02
N LEU A 141 3.40 -7.18 11.12
CA LEU A 141 2.09 -7.35 10.51
C LEU A 141 1.94 -6.50 9.26
N TYR A 142 1.16 -6.98 8.30
CA TYR A 142 0.82 -6.21 7.12
C TYR A 142 -0.62 -6.48 6.69
N THR A 143 -1.41 -5.41 6.62
CA THR A 143 -2.81 -5.53 6.22
C THR A 143 -3.11 -4.68 4.99
N CYS A 144 -4.07 -5.14 4.20
CA CYS A 144 -4.53 -4.40 3.03
C CYS A 144 -6.00 -4.03 3.22
N PHE A 145 -6.34 -2.77 2.98
CA PHE A 145 -7.68 -2.30 3.34
C PHE A 145 -8.32 -1.36 2.30
N GLN A 146 -9.61 -1.16 2.44
CA GLN A 146 -10.35 -0.19 1.65
C GLN A 146 -11.30 0.59 2.56
N SER A 147 -12.31 1.24 1.98
CA SER A 147 -13.22 2.04 2.78
C SER A 147 -14.69 1.86 2.37
N VAL A 148 -15.58 1.93 3.37
CA VAL A 148 -17.01 1.79 3.16
C VAL A 148 -17.76 2.91 3.87
N GLY A 153 -24.85 6.57 3.19
CA GLY A 153 -24.27 7.72 3.85
C GLY A 153 -23.47 7.34 5.09
N SER A 154 -23.30 8.31 5.99
CA SER A 154 -22.59 8.13 7.26
C SER A 154 -21.10 7.82 7.07
N GLU A 155 -20.43 7.51 8.17
CA GLU A 155 -18.98 7.37 8.19
C GLU A 155 -18.46 6.16 7.41
N TYR A 156 -17.17 6.21 7.08
CA TYR A 156 -16.50 5.10 6.41
C TYR A 156 -15.87 4.17 7.44
N GLU A 157 -15.61 2.94 7.05
CA GLU A 157 -14.94 2.00 7.93
C GLU A 157 -14.02 1.05 7.16
N ARG A 158 -13.05 0.50 7.86
CA ARG A 158 -12.05 -0.39 7.27
C ARG A 158 -12.67 -1.69 6.74
N ILE A 159 -12.18 -2.14 5.59
CA ILE A 159 -12.53 -3.46 5.08
C ILE A 159 -11.27 -4.14 4.55
N GLU A 160 -10.88 -5.22 5.20
CA GLU A 160 -9.61 -5.88 4.92
C GLU A 160 -9.61 -6.63 3.60
N ILE A 161 -8.53 -6.48 2.85
CA ILE A 161 -8.37 -7.15 1.56
C ILE A 161 -7.30 -8.24 1.68
N PRO A 162 -7.62 -9.46 1.22
CA PRO A 162 -6.64 -10.55 1.23
C PRO A 162 -5.38 -10.20 0.46
N ILE A 163 -4.21 -10.49 1.02
CA ILE A 163 -2.96 -10.13 0.38
C ILE A 163 -1.98 -11.31 0.33
N HIS A 164 -1.42 -11.55 -0.85
CA HIS A 164 -0.51 -12.68 -1.05
C HIS A 164 0.83 -12.21 -1.63
N VAL A 165 1.87 -13.01 -1.41
CA VAL A 165 3.21 -12.65 -1.87
C VAL A 165 3.74 -13.66 -2.89
N VAL A 166 4.36 -13.14 -3.95
CA VAL A 166 4.91 -13.98 -5.02
C VAL A 166 6.44 -14.00 -4.99
#